data_5U11
#
_entry.id   5U11
#
_cell.length_a   94.782
_cell.length_b   84.599
_cell.length_c   83.963
_cell.angle_alpha   90.00
_cell.angle_beta   110.52
_cell.angle_gamma   90.00
#
_symmetry.space_group_name_H-M   'C 1 2 1'
#
loop_
_entity.id
_entity.type
_entity.pdbx_description
1 polymer 'Dihydropteroate synthase'
2 non-polymer 2-[(2-amino-6-oxo-6,9-dihydro-1H-purin-8-yl)sulfanyl]-N-methylacetamide
3 water water
#
_entity_poly.entity_id   1
_entity_poly.type   'polypeptide(L)'
_entity_poly.pdbx_seq_one_letter_code
;GSMKLFAQGTSLDLSHPHVMGILNVTPDSFSDGGTHNSLIDAVKHANLMINAGATIIDVGGESTRPGAAEVSVEEELQRV
IPVVEAIAQRFEVWISVDTSKPEVIRESAKVGAHIINDIRSLSEPGALEAAAETGLPVCLMHMQGNPKTMQEAPKYDDVF
AEVNRYFIEQIARCEQAGIAKEKLLLDPGFGFGKNLSHNYSLLARLAEFHHFNLPLLVGMSRKSMIGQLLNVGPSERLSG
SLACAVIAAMQGAHIIRVHDVKETVEAMRVVEATLSAKENKRYE
;
_entity_poly.pdbx_strand_id   A,B
#
loop_
_chem_comp.id
_chem_comp.type
_chem_comp.name
_chem_comp.formula
7PS non-polymer 2-[(2-amino-6-oxo-6,9-dihydro-1H-purin-8-yl)sulfanyl]-N-methylacetamide 'C8 H10 N6 O2 S'
#
# COMPACT_ATOMS: atom_id res chain seq x y z
N MET A 3 -1.55 -2.02 -23.79
CA MET A 3 -0.57 -3.14 -23.56
C MET A 3 -1.35 -4.44 -23.28
N LYS A 4 -1.08 -5.46 -24.09
CA LYS A 4 -1.80 -6.75 -24.01
C LYS A 4 -0.86 -7.92 -24.20
N LEU A 5 -1.24 -9.06 -23.65
CA LEU A 5 -0.58 -10.32 -23.95
C LEU A 5 -1.59 -11.22 -24.61
N PHE A 6 -1.11 -12.16 -25.43
CA PHE A 6 -1.96 -13.05 -26.21
C PHE A 6 -1.51 -14.48 -26.02
N ALA A 7 -2.46 -15.39 -25.79
CA ALA A 7 -2.11 -16.80 -25.54
C ALA A 7 -3.35 -17.65 -25.54
N GLN A 8 -3.20 -18.88 -26.02
CA GLN A 8 -4.29 -19.86 -26.12
C GLN A 8 -5.59 -19.30 -26.73
N GLY A 9 -5.45 -18.41 -27.71
CA GLY A 9 -6.62 -17.78 -28.34
C GLY A 9 -7.39 -16.73 -27.52
N THR A 10 -6.81 -16.27 -26.41
CA THR A 10 -7.40 -15.19 -25.62
C THR A 10 -6.36 -14.08 -25.44
N SER A 11 -6.77 -13.00 -24.80
CA SER A 11 -5.85 -11.92 -24.45
C SER A 11 -6.01 -11.51 -23.00
N LEU A 12 -4.98 -10.83 -22.51
CA LEU A 12 -4.95 -10.26 -21.19
C LEU A 12 -4.70 -8.76 -21.40
N ASP A 13 -5.66 -7.97 -20.94
CA ASP A 13 -5.61 -6.52 -21.03
C ASP A 13 -4.84 -5.95 -19.83
N LEU A 14 -3.63 -5.45 -20.09
CA LEU A 14 -2.77 -4.86 -19.04
C LEU A 14 -2.86 -3.35 -18.96
N SER A 15 -4.03 -2.81 -19.23
CA SER A 15 -4.30 -1.38 -19.02
C SER A 15 -4.61 -1.10 -17.53
N HIS A 16 -4.85 -2.14 -16.74
CA HIS A 16 -5.02 -2.03 -15.28
C HIS A 16 -4.25 -3.18 -14.60
N PRO A 17 -3.92 -3.04 -13.31
CA PRO A 17 -3.18 -4.13 -12.68
C PRO A 17 -3.98 -5.43 -12.53
N HIS A 18 -3.27 -6.55 -12.62
CA HIS A 18 -3.84 -7.87 -12.40
C HIS A 18 -3.23 -8.52 -11.19
N VAL A 19 -4.06 -9.24 -10.46
CA VAL A 19 -3.61 -10.07 -9.36
C VAL A 19 -3.40 -11.52 -9.83
N MET A 20 -2.22 -12.05 -9.53
CA MET A 20 -1.82 -13.42 -9.83
C MET A 20 -1.79 -14.21 -8.53
N GLY A 21 -2.70 -15.18 -8.39
CA GLY A 21 -2.74 -16.02 -7.19
C GLY A 21 -1.68 -17.12 -7.25
N ILE A 22 -1.03 -17.39 -6.12
CA ILE A 22 0.03 -18.40 -6.01
C ILE A 22 -0.61 -19.75 -5.76
N LEU A 23 -0.32 -20.74 -6.62
CA LEU A 23 -0.77 -22.11 -6.38
C LEU A 23 0.43 -23.05 -6.30
N ASN A 24 0.90 -23.25 -5.08
CA ASN A 24 2.09 -24.05 -4.81
C ASN A 24 1.68 -25.52 -4.76
N VAL A 25 2.25 -26.34 -5.63
CA VAL A 25 2.04 -27.79 -5.61
C VAL A 25 3.35 -28.55 -5.35
N THR A 26 4.20 -27.97 -4.49
CA THR A 26 5.28 -28.68 -3.83
C THR A 26 4.64 -29.31 -2.57
N PRO A 27 5.18 -30.45 -2.09
CA PRO A 27 4.37 -31.34 -1.20
C PRO A 27 4.09 -30.79 0.22
N ASN A 37 -5.74 -35.70 -1.13
CA ASN A 37 -5.76 -35.64 -2.60
C ASN A 37 -5.32 -34.24 -3.12
N SER A 38 -4.13 -34.20 -3.69
CA SER A 38 -3.49 -32.93 -4.05
C SER A 38 -4.13 -32.27 -5.27
N LEU A 39 -4.63 -33.05 -6.23
CA LEU A 39 -5.30 -32.45 -7.40
C LEU A 39 -6.57 -31.73 -6.98
N ILE A 40 -7.44 -32.44 -6.23
CA ILE A 40 -8.70 -31.87 -5.71
C ILE A 40 -8.48 -30.55 -4.97
N ASP A 41 -7.59 -30.58 -3.98
CA ASP A 41 -7.30 -29.39 -3.15
C ASP A 41 -6.79 -28.19 -3.96
N ALA A 42 -5.90 -28.46 -4.92
CA ALA A 42 -5.35 -27.43 -5.81
C ALA A 42 -6.43 -26.75 -6.62
N VAL A 43 -7.33 -27.55 -7.19
CA VAL A 43 -8.45 -27.03 -7.97
C VAL A 43 -9.40 -26.21 -7.07
N LYS A 44 -9.65 -26.70 -5.86
CA LYS A 44 -10.45 -25.95 -4.87
C LYS A 44 -9.80 -24.60 -4.50
N HIS A 45 -8.48 -24.61 -4.28
CA HIS A 45 -7.74 -23.40 -3.94
C HIS A 45 -7.77 -22.41 -5.13
N ALA A 46 -7.59 -22.95 -6.34
CA ALA A 46 -7.65 -22.12 -7.55
C ALA A 46 -9.00 -21.41 -7.67
N ASN A 47 -10.04 -22.14 -7.29
CA ASN A 47 -11.40 -21.66 -7.39
C ASN A 47 -11.67 -20.54 -6.40
N LEU A 48 -11.26 -20.71 -5.14
CA LEU A 48 -11.33 -19.62 -4.15
C LEU A 48 -10.61 -18.35 -4.64
N MET A 49 -9.48 -18.52 -5.34
CA MET A 49 -8.66 -17.40 -5.78
C MET A 49 -9.29 -16.69 -6.96
N ILE A 50 -9.86 -17.48 -7.86
CA ILE A 50 -10.64 -16.92 -8.98
C ILE A 50 -11.83 -16.13 -8.46
N ASN A 51 -12.60 -16.71 -7.54
CA ASN A 51 -13.72 -16.00 -6.94
C ASN A 51 -13.28 -14.74 -6.20
N ALA A 52 -12.09 -14.75 -5.61
CA ALA A 52 -11.55 -13.53 -4.98
C ALA A 52 -11.06 -12.47 -5.97
N GLY A 53 -11.07 -12.77 -7.28
CA GLY A 53 -10.69 -11.81 -8.31
C GLY A 53 -9.31 -12.02 -8.95
N ALA A 54 -8.60 -13.11 -8.63
CA ALA A 54 -7.37 -13.42 -9.35
C ALA A 54 -7.69 -13.69 -10.83
N THR A 55 -6.97 -13.03 -11.75
CA THR A 55 -7.14 -13.25 -13.20
C THR A 55 -6.04 -14.12 -13.82
N ILE A 56 -5.08 -14.53 -13.00
CA ILE A 56 -3.98 -15.41 -13.42
C ILE A 56 -3.72 -16.28 -12.20
N ILE A 57 -3.53 -17.58 -12.42
CA ILE A 57 -3.07 -18.50 -11.37
C ILE A 57 -1.65 -19.02 -11.71
N ASP A 58 -0.72 -18.88 -10.77
CA ASP A 58 0.68 -19.31 -10.95
C ASP A 58 0.91 -20.67 -10.29
N VAL A 59 1.02 -21.70 -11.13
CA VAL A 59 1.17 -23.08 -10.70
C VAL A 59 2.66 -23.40 -10.66
N GLY A 60 3.15 -23.80 -9.50
CA GLY A 60 4.57 -24.03 -9.29
C GLY A 60 4.82 -25.31 -8.56
N GLY A 61 5.58 -26.20 -9.19
CA GLY A 61 5.92 -27.51 -8.64
C GLY A 61 7.34 -27.73 -8.15
N GLU A 62 8.18 -26.69 -8.18
CA GLU A 62 9.55 -26.74 -7.64
C GLU A 62 9.75 -25.59 -6.66
N SER A 63 10.15 -25.92 -5.43
CA SER A 63 10.48 -24.90 -4.44
C SER A 63 11.71 -24.16 -4.91
N THR A 64 11.58 -22.84 -5.01
CA THR A 64 12.68 -21.94 -5.38
C THR A 64 13.23 -21.21 -4.15
N ARG A 65 12.95 -21.74 -2.97
CA ARG A 65 13.39 -21.12 -1.71
C ARG A 65 14.89 -21.29 -1.51
N PRO A 66 15.54 -20.36 -0.73
CA PRO A 66 16.96 -20.51 -0.41
C PRO A 66 17.24 -21.91 0.14
N GLY A 67 18.26 -22.61 -0.36
CA GLY A 67 18.63 -23.96 0.09
C GLY A 67 17.94 -25.13 -0.62
N ALA A 68 16.84 -24.87 -1.34
CA ALA A 68 16.01 -25.95 -1.92
C ALA A 68 16.79 -26.99 -2.77
N ALA A 69 16.43 -28.26 -2.63
CA ALA A 69 16.92 -29.33 -3.55
C ALA A 69 16.13 -29.28 -4.86
N GLU A 70 16.79 -29.66 -5.94
CA GLU A 70 16.11 -29.74 -7.23
C GLU A 70 15.09 -30.88 -7.22
N VAL A 71 14.09 -30.74 -8.08
CA VAL A 71 13.01 -31.73 -8.22
C VAL A 71 13.20 -32.35 -9.60
N SER A 72 13.05 -33.67 -9.69
CA SER A 72 13.15 -34.39 -10.97
C SER A 72 12.09 -33.94 -11.97
N VAL A 73 12.37 -34.17 -13.25
CA VAL A 73 11.47 -33.82 -14.33
C VAL A 73 10.15 -34.57 -14.14
N GLU A 74 10.26 -35.88 -13.84
CA GLU A 74 9.09 -36.74 -13.63
C GLU A 74 8.18 -36.33 -12.44
N GLU A 75 8.78 -35.94 -11.33
CA GLU A 75 8.06 -35.43 -10.18
C GLU A 75 7.37 -34.09 -10.53
N GLU A 76 8.11 -33.18 -11.15
CA GLU A 76 7.54 -31.87 -11.47
C GLU A 76 6.36 -32.01 -12.43
N LEU A 77 6.52 -32.85 -13.46
CA LEU A 77 5.42 -33.13 -14.40
C LEU A 77 4.16 -33.65 -13.71
N GLN A 78 4.34 -34.62 -12.82
CA GLN A 78 3.21 -35.22 -12.11
C GLN A 78 2.50 -34.19 -11.23
N ARG A 79 3.26 -33.38 -10.51
CA ARG A 79 2.67 -32.33 -9.66
C ARG A 79 1.93 -31.23 -10.43
N VAL A 80 2.47 -30.83 -11.58
CA VAL A 80 2.07 -29.60 -12.27
C VAL A 80 1.07 -29.80 -13.40
N ILE A 81 1.29 -30.80 -14.26
CA ILE A 81 0.50 -30.91 -15.50
C ILE A 81 -0.97 -31.21 -15.26
N PRO A 82 -1.28 -32.15 -14.34
CA PRO A 82 -2.69 -32.41 -14.02
C PRO A 82 -3.40 -31.17 -13.44
N VAL A 83 -2.65 -30.30 -12.75
CA VAL A 83 -3.20 -29.10 -12.15
C VAL A 83 -3.48 -28.04 -13.22
N VAL A 84 -2.52 -27.79 -14.08
CA VAL A 84 -2.73 -26.88 -15.23
C VAL A 84 -3.90 -27.32 -16.10
N GLU A 85 -3.97 -28.64 -16.38
CA GLU A 85 -5.02 -29.20 -17.22
C GLU A 85 -6.42 -28.98 -16.62
N ALA A 86 -6.55 -29.38 -15.36
CA ALA A 86 -7.82 -29.28 -14.64
C ALA A 86 -8.36 -27.84 -14.63
N ILE A 87 -7.47 -26.88 -14.37
CA ILE A 87 -7.85 -25.46 -14.33
C ILE A 87 -8.25 -24.96 -15.72
N ALA A 88 -7.45 -25.31 -16.73
CA ALA A 88 -7.76 -24.90 -18.11
C ALA A 88 -9.08 -25.49 -18.59
N GLN A 89 -9.46 -26.66 -18.06
CA GLN A 89 -10.72 -27.33 -18.40
C GLN A 89 -11.93 -26.71 -17.72
N ARG A 90 -11.75 -26.25 -16.50
CA ARG A 90 -12.83 -25.72 -15.73
C ARG A 90 -13.06 -24.24 -15.69
N PHE A 91 -12.02 -23.45 -15.88
CA PHE A 91 -12.11 -22.00 -15.71
C PHE A 91 -11.60 -21.26 -16.92
N GLU A 92 -11.90 -19.98 -16.97
CA GLU A 92 -11.46 -19.10 -18.05
C GLU A 92 -10.18 -18.35 -17.71
N VAL A 93 -9.77 -18.45 -16.45
CA VAL A 93 -8.62 -17.72 -15.91
C VAL A 93 -7.34 -18.05 -16.68
N TRP A 94 -6.43 -17.08 -16.79
CA TRP A 94 -5.10 -17.37 -17.27
C TRP A 94 -4.27 -18.17 -16.25
N ILE A 95 -3.30 -18.91 -16.78
CA ILE A 95 -2.46 -19.87 -16.03
C ILE A 95 -1.01 -19.58 -16.39
N SER A 96 -0.20 -19.24 -15.39
CA SER A 96 1.23 -19.15 -15.55
C SER A 96 1.85 -20.37 -14.91
N VAL A 97 2.90 -20.90 -15.55
CA VAL A 97 3.58 -22.08 -15.00
C VAL A 97 4.95 -21.68 -14.52
N ASP A 98 5.19 -21.98 -13.27
CA ASP A 98 6.38 -21.56 -12.58
C ASP A 98 7.41 -22.69 -12.71
N THR A 99 8.10 -22.74 -13.84
CA THR A 99 9.03 -23.84 -14.13
C THR A 99 10.25 -23.38 -14.88
N SER A 100 11.31 -24.19 -14.77
CA SER A 100 12.54 -24.04 -15.53
C SER A 100 12.79 -25.14 -16.56
N LYS A 101 11.95 -26.17 -16.59
CA LYS A 101 12.25 -27.40 -17.35
C LYS A 101 11.61 -27.39 -18.74
N PRO A 102 12.40 -27.65 -19.81
CA PRO A 102 11.83 -27.70 -21.16
C PRO A 102 10.58 -28.58 -21.30
N GLU A 103 10.57 -29.75 -20.66
CA GLU A 103 9.47 -30.69 -20.83
C GLU A 103 8.21 -30.17 -20.13
N VAL A 104 8.39 -29.52 -18.98
CA VAL A 104 7.26 -28.96 -18.25
C VAL A 104 6.71 -27.79 -19.04
N ILE A 105 7.60 -26.97 -19.57
CA ILE A 105 7.21 -25.90 -20.50
C ILE A 105 6.38 -26.44 -21.68
N ARG A 106 6.87 -27.50 -22.33
N ARG A 106 6.86 -27.51 -22.33
CA ARG A 106 6.17 -28.12 -23.48
CA ARG A 106 6.15 -28.09 -23.48
C ARG A 106 4.80 -28.67 -23.09
C ARG A 106 4.80 -28.68 -23.11
N GLU A 107 4.78 -29.57 -22.12
CA GLU A 107 3.56 -30.23 -21.69
C GLU A 107 2.51 -29.25 -21.15
N SER A 108 2.96 -28.20 -20.47
CA SER A 108 2.04 -27.18 -19.91
C SER A 108 1.32 -26.42 -20.99
N ALA A 109 2.07 -26.01 -22.01
CA ALA A 109 1.48 -25.32 -23.14
C ALA A 109 0.43 -26.21 -23.79
N LYS A 110 0.72 -27.49 -23.92
CA LYS A 110 -0.21 -28.41 -24.59
C LYS A 110 -1.53 -28.58 -23.84
N VAL A 111 -1.53 -28.47 -22.53
CA VAL A 111 -2.77 -28.57 -21.74
C VAL A 111 -3.38 -27.22 -21.32
N GLY A 112 -2.94 -26.12 -21.96
CA GLY A 112 -3.58 -24.80 -21.83
C GLY A 112 -2.91 -23.65 -21.06
N ALA A 113 -1.64 -23.77 -20.68
CA ALA A 113 -0.96 -22.67 -19.94
C ALA A 113 -0.74 -21.48 -20.86
N HIS A 114 -0.84 -20.27 -20.28
CA HIS A 114 -0.78 -19.03 -21.03
C HIS A 114 0.55 -18.32 -20.88
N ILE A 115 1.22 -18.47 -19.72
CA ILE A 115 2.48 -17.76 -19.47
C ILE A 115 3.50 -18.73 -18.91
N ILE A 116 4.74 -18.65 -19.42
CA ILE A 116 5.87 -19.36 -18.79
C ILE A 116 6.55 -18.38 -17.85
N ASN A 117 6.53 -18.71 -16.57
CA ASN A 117 7.10 -17.86 -15.56
C ASN A 117 8.30 -18.57 -14.99
N ASP A 118 9.46 -18.25 -15.52
CA ASP A 118 10.67 -18.94 -15.14
C ASP A 118 11.58 -18.02 -14.35
N ILE A 119 11.80 -18.41 -13.09
CA ILE A 119 12.69 -17.71 -12.18
C ILE A 119 14.15 -17.75 -12.65
N ARG A 120 14.49 -18.72 -13.49
CA ARG A 120 15.82 -18.83 -14.09
C ARG A 120 15.91 -18.22 -15.50
N SER A 121 14.86 -17.55 -15.94
CA SER A 121 14.87 -16.84 -17.23
C SER A 121 15.39 -17.72 -18.41
N LEU A 122 14.91 -18.98 -18.42
CA LEU A 122 15.19 -19.96 -19.47
C LEU A 122 16.67 -20.30 -19.61
N SER A 123 17.37 -20.32 -18.48
CA SER A 123 18.79 -20.61 -18.47
C SER A 123 19.09 -22.11 -18.59
N GLU A 124 18.10 -22.98 -18.36
CA GLU A 124 18.34 -24.42 -18.41
C GLU A 124 18.50 -24.90 -19.85
N PRO A 125 19.40 -25.90 -20.07
CA PRO A 125 19.61 -26.41 -21.43
C PRO A 125 18.26 -26.76 -22.08
N GLY A 126 17.98 -26.18 -23.24
CA GLY A 126 16.73 -26.49 -23.95
C GLY A 126 15.52 -25.63 -23.60
N ALA A 127 15.59 -24.91 -22.48
CA ALA A 127 14.46 -24.12 -21.97
C ALA A 127 14.08 -22.99 -22.93
N LEU A 128 15.09 -22.29 -23.43
CA LEU A 128 14.91 -21.18 -24.36
C LEU A 128 14.18 -21.62 -25.63
N GLU A 129 14.58 -22.76 -26.18
CA GLU A 129 14.03 -23.29 -27.43
C GLU A 129 12.63 -23.81 -27.21
N ALA A 130 12.43 -24.51 -26.09
CA ALA A 130 11.08 -24.98 -25.71
C ALA A 130 10.09 -23.84 -25.55
N ALA A 131 10.47 -22.82 -24.80
CA ALA A 131 9.61 -21.66 -24.59
C ALA A 131 9.26 -21.02 -25.95
N ALA A 132 10.26 -20.88 -26.82
CA ALA A 132 10.04 -20.32 -28.16
C ALA A 132 9.06 -21.15 -29.00
N GLU A 133 9.16 -22.47 -28.93
CA GLU A 133 8.24 -23.33 -29.68
C GLU A 133 6.79 -23.18 -29.26
N THR A 134 6.53 -22.91 -27.98
CA THR A 134 5.16 -22.76 -27.48
C THR A 134 4.52 -21.47 -28.00
N GLY A 135 5.32 -20.48 -28.36
CA GLY A 135 4.82 -19.16 -28.70
C GLY A 135 4.22 -18.35 -27.54
N LEU A 136 4.29 -18.86 -26.30
CA LEU A 136 3.62 -18.23 -25.16
C LEU A 136 4.41 -17.02 -24.67
N PRO A 137 3.72 -16.08 -23.98
CA PRO A 137 4.42 -15.10 -23.14
C PRO A 137 5.42 -15.69 -22.17
N VAL A 138 6.51 -14.96 -21.96
CA VAL A 138 7.62 -15.40 -21.13
C VAL A 138 7.98 -14.32 -20.13
N CYS A 139 7.97 -14.66 -18.85
CA CYS A 139 8.41 -13.72 -17.82
C CYS A 139 9.88 -13.98 -17.57
N LEU A 140 10.68 -12.92 -17.61
CA LEU A 140 12.11 -12.97 -17.30
C LEU A 140 12.33 -12.34 -15.94
N MET A 141 12.86 -13.12 -15.01
CA MET A 141 13.12 -12.66 -13.65
C MET A 141 14.60 -12.53 -13.36
N HIS A 142 14.99 -11.47 -12.64
CA HIS A 142 16.33 -11.40 -12.16
C HIS A 142 16.57 -12.25 -10.88
N MET A 143 17.64 -13.04 -10.93
CA MET A 143 18.22 -13.74 -9.79
C MET A 143 19.74 -13.67 -9.90
N GLN A 144 20.43 -13.30 -8.81
CA GLN A 144 21.87 -13.51 -8.66
C GLN A 144 22.16 -14.93 -8.12
N GLY A 145 22.91 -15.69 -8.91
CA GLY A 145 23.28 -17.05 -8.60
C GLY A 145 22.13 -17.97 -8.86
N ASN A 146 21.94 -18.96 -7.99
CA ASN A 146 20.84 -19.92 -8.12
C ASN A 146 20.20 -20.11 -6.75
N PRO A 147 19.02 -20.73 -6.69
CA PRO A 147 18.35 -20.83 -5.38
C PRO A 147 19.16 -21.48 -4.25
N LYS A 148 20.11 -22.36 -4.57
CA LYS A 148 20.86 -23.05 -3.51
C LYS A 148 21.84 -22.14 -2.77
N THR A 149 22.37 -21.10 -3.42
CA THR A 149 23.31 -20.21 -2.75
C THR A 149 23.08 -18.69 -2.93
N MET A 150 21.99 -18.28 -3.60
CA MET A 150 21.74 -16.84 -3.85
C MET A 150 21.72 -15.97 -2.58
N GLN A 151 21.23 -16.53 -1.45
CA GLN A 151 21.07 -15.72 -0.25
C GLN A 151 22.27 -15.75 0.71
N GLU A 152 23.38 -16.41 0.33
CA GLU A 152 24.55 -16.46 1.21
C GLU A 152 25.17 -15.10 1.47
N ALA A 153 25.47 -14.37 0.41
CA ALA A 153 26.07 -13.05 0.53
C ALA A 153 25.77 -12.25 -0.76
N PRO A 154 24.49 -11.84 -0.93
CA PRO A 154 24.12 -11.05 -2.09
C PRO A 154 24.91 -9.75 -2.11
N LYS A 155 25.46 -9.41 -3.25
CA LYS A 155 26.32 -8.23 -3.33
C LYS A 155 26.12 -7.53 -4.67
N TYR A 156 26.00 -6.20 -4.64
CA TYR A 156 25.92 -5.37 -5.85
C TYR A 156 26.67 -4.08 -5.58
N ASP A 157 27.33 -3.56 -6.60
CA ASP A 157 27.79 -2.17 -6.57
C ASP A 157 26.60 -1.27 -6.76
N ASP A 158 25.71 -1.64 -7.68
CA ASP A 158 24.50 -0.87 -7.95
C ASP A 158 23.41 -1.81 -8.42
N VAL A 159 22.51 -2.16 -7.49
CA VAL A 159 21.51 -3.22 -7.74
C VAL A 159 20.56 -2.88 -8.87
N PHE A 160 20.08 -1.65 -8.92
CA PHE A 160 19.22 -1.23 -10.02
C PHE A 160 19.92 -1.38 -11.39
N ALA A 161 21.15 -0.91 -11.49
CA ALA A 161 21.88 -0.91 -12.76
C ALA A 161 22.16 -2.35 -13.20
N GLU A 162 22.52 -3.19 -12.22
CA GLU A 162 22.85 -4.57 -12.52
C GLU A 162 21.61 -5.34 -12.91
N VAL A 163 20.50 -5.11 -12.23
CA VAL A 163 19.24 -5.75 -12.64
C VAL A 163 18.82 -5.25 -14.03
N ASN A 164 18.91 -3.95 -14.23
CA ASN A 164 18.57 -3.34 -15.55
C ASN A 164 19.45 -3.89 -16.71
N ARG A 165 20.77 -3.99 -16.49
CA ARG A 165 21.69 -4.58 -17.49
C ARG A 165 21.25 -6.02 -17.81
N TYR A 166 20.92 -6.78 -16.76
CA TYR A 166 20.46 -8.14 -16.91
C TYR A 166 19.24 -8.25 -17.82
N PHE A 167 18.27 -7.37 -17.63
CA PHE A 167 17.09 -7.39 -18.49
C PHE A 167 17.50 -7.08 -19.97
N ILE A 168 18.45 -6.16 -20.16
CA ILE A 168 18.95 -5.82 -21.52
C ILE A 168 19.42 -7.11 -22.21
N GLU A 169 20.27 -7.83 -21.51
CA GLU A 169 20.89 -9.03 -22.07
C GLU A 169 19.91 -10.15 -22.29
N GLN A 170 19.00 -10.38 -21.33
CA GLN A 170 18.04 -11.46 -21.49
C GLN A 170 17.01 -11.16 -22.56
N ILE A 171 16.59 -9.90 -22.69
CA ILE A 171 15.71 -9.53 -23.81
C ILE A 171 16.42 -9.84 -25.13
N ALA A 172 17.69 -9.46 -25.24
CA ALA A 172 18.50 -9.77 -26.44
C ALA A 172 18.58 -11.28 -26.68
N ARG A 173 18.90 -12.03 -25.63
CA ARG A 173 18.99 -13.49 -25.70
C ARG A 173 17.68 -14.10 -26.22
N CYS A 174 16.54 -13.62 -25.70
CA CYS A 174 15.20 -14.10 -26.13
C CYS A 174 14.81 -13.77 -27.58
N GLU A 175 15.06 -12.52 -27.97
CA GLU A 175 14.83 -12.07 -29.36
C GLU A 175 15.59 -12.95 -30.35
N GLN A 176 16.85 -13.22 -30.05
CA GLN A 176 17.70 -14.03 -30.91
C GLN A 176 17.30 -15.48 -31.04
N ALA A 177 16.57 -16.02 -30.06
CA ALA A 177 15.95 -17.34 -30.21
C ALA A 177 14.60 -17.29 -30.89
N GLY A 178 14.20 -16.11 -31.35
CA GLY A 178 12.94 -15.95 -32.07
C GLY A 178 11.73 -15.72 -31.18
N ILE A 179 11.95 -15.25 -29.94
CA ILE A 179 10.85 -14.85 -29.06
C ILE A 179 10.73 -13.33 -29.21
N ALA A 180 9.60 -12.88 -29.76
CA ALA A 180 9.40 -11.45 -29.99
C ALA A 180 9.26 -10.71 -28.66
N LYS A 181 9.82 -9.50 -28.62
CA LYS A 181 9.81 -8.62 -27.46
C LYS A 181 8.42 -8.49 -26.83
N GLU A 182 7.39 -8.52 -27.68
CA GLU A 182 6.00 -8.33 -27.27
C GLU A 182 5.45 -9.46 -26.43
N LYS A 183 6.14 -10.60 -26.39
CA LYS A 183 5.74 -11.72 -25.56
C LYS A 183 6.37 -11.69 -24.17
N LEU A 184 7.30 -10.75 -23.93
CA LEU A 184 8.15 -10.76 -22.75
C LEU A 184 7.55 -9.94 -21.59
N LEU A 185 7.83 -10.38 -20.36
CA LEU A 185 7.52 -9.63 -19.15
C LEU A 185 8.78 -9.57 -18.35
N LEU A 186 8.93 -8.51 -17.56
CA LEU A 186 10.09 -8.36 -16.70
C LEU A 186 9.73 -8.36 -15.20
N ASP A 187 10.62 -8.95 -14.40
CA ASP A 187 10.41 -9.08 -12.96
C ASP A 187 11.76 -8.94 -12.24
N PRO A 188 11.91 -7.94 -11.36
CA PRO A 188 13.20 -7.74 -10.68
C PRO A 188 13.58 -8.83 -9.67
N GLY A 189 12.66 -9.75 -9.39
CA GLY A 189 12.99 -10.91 -8.57
C GLY A 189 13.27 -10.58 -7.12
N PHE A 190 12.26 -10.04 -6.44
CA PHE A 190 12.44 -9.71 -5.02
C PHE A 190 12.77 -10.96 -4.21
N GLY A 191 13.82 -10.88 -3.39
CA GLY A 191 14.26 -11.98 -2.57
C GLY A 191 15.25 -12.92 -3.24
N PHE A 192 15.45 -12.83 -4.56
CA PHE A 192 16.32 -13.77 -5.28
C PHE A 192 17.74 -13.23 -5.43
N GLY A 193 18.52 -13.41 -4.37
CA GLY A 193 19.90 -12.92 -4.33
C GLY A 193 19.96 -11.45 -4.00
N LYS A 194 19.27 -11.09 -2.92
CA LYS A 194 19.09 -9.70 -2.50
C LYS A 194 18.93 -9.69 -1.01
N ASN A 195 19.67 -8.83 -0.34
CA ASN A 195 19.41 -8.42 1.00
C ASN A 195 18.30 -7.39 1.07
N LEU A 196 17.93 -7.03 2.30
CA LEU A 196 16.83 -6.12 2.59
C LEU A 196 16.94 -4.80 1.82
N SER A 197 18.08 -4.17 1.92
CA SER A 197 18.28 -2.86 1.34
C SER A 197 18.31 -2.96 -0.21
N HIS A 198 18.81 -4.06 -0.76
CA HIS A 198 18.74 -4.30 -2.23
C HIS A 198 17.29 -4.34 -2.70
N ASN A 199 16.46 -5.06 -1.95
CA ASN A 199 15.03 -5.21 -2.29
C ASN A 199 14.32 -3.87 -2.27
N TYR A 200 14.55 -3.05 -1.25
CA TYR A 200 13.89 -1.74 -1.18
C TYR A 200 14.42 -0.73 -2.21
N SER A 201 15.71 -0.82 -2.58
CA SER A 201 16.25 -0.04 -3.69
C SER A 201 15.53 -0.34 -5.01
N LEU A 202 15.23 -1.63 -5.24
CA LEU A 202 14.53 -2.03 -6.44
C LEU A 202 13.08 -1.60 -6.45
N LEU A 203 12.38 -1.81 -5.33
CA LEU A 203 11.02 -1.35 -5.19
C LEU A 203 10.90 0.18 -5.35
N ALA A 204 11.82 0.94 -4.75
CA ALA A 204 11.78 2.39 -4.82
C ALA A 204 11.97 2.92 -6.26
N ARG A 205 12.72 2.18 -7.08
CA ARG A 205 13.00 2.59 -8.46
C ARG A 205 12.27 1.76 -9.52
N LEU A 206 11.20 1.08 -9.11
CA LEU A 206 10.53 0.14 -9.99
C LEU A 206 9.99 0.81 -11.25
N ALA A 207 9.47 2.04 -11.10
CA ALA A 207 8.91 2.76 -12.24
C ALA A 207 9.95 2.98 -13.36
N GLU A 208 11.22 3.07 -13.00
CA GLU A 208 12.28 3.24 -13.99
C GLU A 208 12.51 2.08 -14.93
N PHE A 209 11.97 0.89 -14.62
CA PHE A 209 12.00 -0.26 -15.54
C PHE A 209 10.96 -0.18 -16.65
N HIS A 210 10.08 0.81 -16.62
CA HIS A 210 9.14 1.02 -17.73
C HIS A 210 9.81 1.39 -19.05
N HIS A 211 11.05 1.86 -19.04
CA HIS A 211 11.73 2.26 -20.26
C HIS A 211 11.80 1.16 -21.32
N PHE A 212 11.74 -0.12 -20.90
CA PHE A 212 11.69 -1.26 -21.82
C PHE A 212 10.35 -1.38 -22.52
N ASN A 213 9.33 -0.69 -22.01
CA ASN A 213 7.98 -0.74 -22.54
C ASN A 213 7.41 -2.17 -22.54
N LEU A 214 7.66 -2.88 -21.43
CA LEU A 214 7.20 -4.26 -21.28
C LEU A 214 6.41 -4.41 -19.98
N PRO A 215 5.50 -5.39 -19.93
CA PRO A 215 4.81 -5.65 -18.65
C PRO A 215 5.81 -5.94 -17.53
N LEU A 216 5.63 -5.27 -16.40
CA LEU A 216 6.31 -5.58 -15.15
C LEU A 216 5.45 -6.45 -14.23
N LEU A 217 6.12 -7.49 -13.70
CA LEU A 217 5.56 -8.49 -12.79
C LEU A 217 6.40 -8.45 -11.52
N VAL A 218 5.76 -8.46 -10.35
CA VAL A 218 6.45 -8.39 -9.07
C VAL A 218 5.84 -9.41 -8.11
N GLY A 219 6.71 -10.00 -7.29
CA GLY A 219 6.26 -10.90 -6.24
C GLY A 219 6.98 -10.59 -4.95
N MET A 220 6.27 -9.94 -4.03
CA MET A 220 6.78 -9.62 -2.71
C MET A 220 6.00 -10.30 -1.56
N SER A 221 4.90 -10.99 -1.89
CA SER A 221 3.93 -11.50 -0.89
C SER A 221 4.56 -12.35 0.19
N ARG A 222 4.47 -11.88 1.44
CA ARG A 222 4.93 -12.62 2.60
C ARG A 222 6.42 -12.93 2.61
N LYS A 223 7.22 -12.20 1.81
CA LYS A 223 8.65 -12.46 1.71
C LYS A 223 9.48 -11.82 2.83
N SER A 224 10.74 -12.23 2.92
CA SER A 224 11.68 -11.68 3.88
C SER A 224 11.83 -10.19 3.88
N MET A 225 11.71 -9.52 2.72
CA MET A 225 11.78 -8.05 2.74
C MET A 225 10.70 -7.42 3.63
N ILE A 226 9.60 -8.13 3.87
CA ILE A 226 8.66 -7.73 4.89
C ILE A 226 9.01 -8.28 6.28
N GLY A 227 9.22 -9.60 6.37
CA GLY A 227 9.59 -10.27 7.63
C GLY A 227 10.77 -9.69 8.39
N GLN A 228 11.85 -9.43 7.67
CA GLN A 228 13.05 -8.86 8.29
C GLN A 228 12.83 -7.42 8.71
N LEU A 229 11.99 -6.68 7.98
CA LEU A 229 11.72 -5.30 8.33
C LEU A 229 10.86 -5.24 9.59
N LEU A 230 9.80 -6.04 9.64
CA LEU A 230 8.87 -6.09 10.78
C LEU A 230 9.25 -7.05 11.92
N ASN A 231 10.18 -7.97 11.66
CA ASN A 231 10.60 -9.01 12.62
C ASN A 231 9.51 -10.03 12.96
N VAL A 232 8.66 -10.32 11.97
CA VAL A 232 7.54 -11.24 12.13
C VAL A 232 7.66 -12.42 11.17
N GLY A 233 6.96 -13.50 11.53
CA GLY A 233 6.96 -14.70 10.74
C GLY A 233 6.05 -14.58 9.53
N PRO A 234 6.04 -15.61 8.69
CA PRO A 234 5.30 -15.57 7.42
C PRO A 234 3.81 -15.32 7.55
N SER A 235 3.20 -15.67 8.68
CA SER A 235 1.76 -15.55 8.81
C SER A 235 1.35 -14.15 9.28
N GLU A 236 2.33 -13.35 9.75
CA GLU A 236 2.06 -12.01 10.23
C GLU A 236 2.40 -10.91 9.21
N ARG A 237 2.49 -11.25 7.93
CA ARG A 237 3.02 -10.31 6.89
C ARG A 237 2.00 -9.70 5.92
N LEU A 238 0.71 -9.92 6.15
CA LEU A 238 -0.29 -9.41 5.19
C LEU A 238 -0.25 -7.89 4.98
N SER A 239 -0.23 -7.12 6.07
CA SER A 239 -0.27 -5.66 5.94
C SER A 239 0.93 -5.15 5.16
N GLY A 240 2.11 -5.70 5.46
CA GLY A 240 3.34 -5.40 4.77
C GLY A 240 3.26 -5.74 3.30
N SER A 241 2.69 -6.92 2.99
CA SER A 241 2.49 -7.40 1.63
C SER A 241 1.58 -6.51 0.82
N LEU A 242 0.50 -6.01 1.43
CA LEU A 242 -0.40 -5.09 0.78
C LEU A 242 0.31 -3.77 0.49
N ALA A 243 1.11 -3.30 1.45
CA ALA A 243 1.87 -2.10 1.25
C ALA A 243 2.80 -2.24 0.04
N CYS A 244 3.58 -3.33 0.01
CA CYS A 244 4.43 -3.63 -1.13
C CYS A 244 3.66 -3.65 -2.45
N ALA A 245 2.50 -4.30 -2.44
CA ALA A 245 1.68 -4.42 -3.65
C ALA A 245 1.22 -3.06 -4.17
N VAL A 246 0.79 -2.21 -3.25
CA VAL A 246 0.29 -0.88 -3.56
C VAL A 246 1.40 0.01 -4.08
N ILE A 247 2.55 -0.02 -3.40
CA ILE A 247 3.71 0.74 -3.84
C ILE A 247 4.07 0.37 -5.29
N ALA A 248 4.04 -0.93 -5.61
CA ALA A 248 4.41 -1.41 -6.94
C ALA A 248 3.37 -1.02 -7.97
N ALA A 249 2.09 -1.27 -7.67
CA ALA A 249 1.01 -0.92 -8.58
C ALA A 249 0.85 0.60 -8.76
N MET A 250 1.18 1.39 -7.74
CA MET A 250 1.21 2.86 -7.91
C MET A 250 2.24 3.31 -8.92
N GLN A 251 3.32 2.54 -9.05
CA GLN A 251 4.37 2.80 -10.06
C GLN A 251 4.15 2.08 -11.41
N GLY A 252 2.93 1.60 -11.66
CA GLY A 252 2.58 1.01 -12.95
C GLY A 252 2.88 -0.47 -13.14
N ALA A 253 3.16 -1.20 -12.07
CA ALA A 253 3.36 -2.65 -12.18
C ALA A 253 2.06 -3.26 -12.68
N HIS A 254 2.17 -4.20 -13.61
CA HIS A 254 1.02 -4.75 -14.31
C HIS A 254 0.42 -6.00 -13.68
N ILE A 255 1.25 -6.81 -13.04
CA ILE A 255 0.81 -8.07 -12.42
C ILE A 255 1.46 -8.23 -11.05
N ILE A 256 0.65 -8.59 -10.05
CA ILE A 256 1.12 -8.67 -8.66
C ILE A 256 0.91 -10.10 -8.20
N ARG A 257 2.00 -10.82 -7.92
CA ARG A 257 1.94 -12.23 -7.51
C ARG A 257 1.78 -12.34 -6.00
N VAL A 258 0.67 -12.95 -5.57
CA VAL A 258 0.31 -12.92 -4.15
C VAL A 258 -0.31 -14.21 -3.62
N HIS A 259 -0.23 -14.38 -2.31
CA HIS A 259 -0.95 -15.45 -1.61
C HIS A 259 -2.38 -15.05 -1.26
N ASP A 260 -2.56 -13.81 -0.82
CA ASP A 260 -3.81 -13.29 -0.27
C ASP A 260 -4.53 -12.48 -1.36
N VAL A 261 -5.34 -13.19 -2.16
CA VAL A 261 -5.89 -12.59 -3.38
C VAL A 261 -6.97 -11.53 -3.12
N LYS A 262 -7.94 -11.86 -2.28
CA LYS A 262 -9.08 -10.95 -2.00
C LYS A 262 -8.58 -9.59 -1.51
N GLU A 263 -7.69 -9.61 -0.53
CA GLU A 263 -7.17 -8.39 0.06
C GLU A 263 -6.37 -7.58 -0.94
N THR A 264 -5.60 -8.27 -1.77
CA THR A 264 -4.80 -7.59 -2.77
C THR A 264 -5.68 -6.95 -3.83
N VAL A 265 -6.68 -7.69 -4.31
CA VAL A 265 -7.62 -7.17 -5.32
C VAL A 265 -8.36 -5.92 -4.83
N GLU A 266 -8.78 -5.91 -3.58
CA GLU A 266 -9.39 -4.70 -2.97
C GLU A 266 -8.43 -3.52 -2.98
N ALA A 267 -7.17 -3.79 -2.63
CA ALA A 267 -6.15 -2.76 -2.61
C ALA A 267 -5.88 -2.21 -3.99
N MET A 268 -5.84 -3.11 -5.00
CA MET A 268 -5.65 -2.73 -6.41
C MET A 268 -6.79 -1.90 -6.99
N ARG A 269 -8.02 -2.18 -6.56
CA ARG A 269 -9.17 -1.33 -6.92
C ARG A 269 -8.97 0.11 -6.43
N VAL A 270 -8.47 0.27 -5.20
CA VAL A 270 -8.18 1.60 -4.67
C VAL A 270 -7.08 2.24 -5.48
N VAL A 271 -6.05 1.49 -5.80
CA VAL A 271 -4.97 2.02 -6.66
C VAL A 271 -5.50 2.47 -8.04
N GLU A 272 -6.33 1.64 -8.67
CA GLU A 272 -6.95 1.96 -10.00
C GLU A 272 -7.80 3.23 -9.96
N ALA A 273 -8.62 3.38 -8.92
CA ALA A 273 -9.42 4.59 -8.75
C ALA A 273 -8.49 5.79 -8.58
N THR A 274 -7.37 5.61 -7.89
CA THR A 274 -6.42 6.71 -7.73
C THR A 274 -5.74 7.05 -9.06
N LEU A 275 -5.27 6.02 -9.77
CA LEU A 275 -4.53 6.23 -11.01
C LEU A 275 -5.44 6.80 -12.13
N SER A 276 -6.71 6.42 -12.16
CA SER A 276 -7.58 6.93 -13.22
C SER A 276 -7.98 8.37 -12.97
N ALA A 277 -8.04 8.78 -11.70
CA ALA A 277 -8.16 10.20 -11.34
C ALA A 277 -6.93 11.02 -11.67
N LYS A 278 -5.76 10.39 -11.78
CA LYS A 278 -4.53 11.10 -12.11
C LYS A 278 -4.49 11.45 -13.61
N GLU A 279 -3.83 12.56 -13.94
CA GLU A 279 -3.74 13.06 -15.33
C GLU A 279 -2.61 12.43 -16.17
N ASN A 280 -1.70 11.68 -15.54
CA ASN A 280 -0.63 10.95 -16.25
C ASN A 280 -0.53 9.43 -15.94
N LYS A 281 -1.38 8.93 -15.03
CA LYS A 281 -1.59 7.49 -14.79
C LYS A 281 -0.39 6.73 -14.16
N ARG A 282 0.40 7.38 -13.32
CA ARG A 282 1.52 6.70 -12.63
C ARG A 282 2.40 7.57 -11.69
N TYR A 283 2.87 6.98 -10.60
CA TYR A 283 3.73 7.62 -9.62
C TYR A 283 5.20 7.26 -9.87
N GLU A 284 6.10 8.21 -9.60
CA GLU A 284 7.55 8.09 -9.86
C GLU A 284 8.28 8.95 -8.84
N SER B 2 13.22 17.29 8.12
CA SER B 2 13.43 18.44 9.05
C SER B 2 12.16 19.04 9.69
N MET B 3 10.98 18.78 9.13
CA MET B 3 9.72 19.36 9.62
C MET B 3 9.39 18.88 11.06
N LYS B 4 9.09 19.82 11.96
CA LYS B 4 8.77 19.51 13.39
C LYS B 4 7.60 20.33 13.95
N LEU B 5 6.83 19.73 14.86
CA LEU B 5 5.84 20.47 15.63
C LEU B 5 6.27 20.49 17.10
N PHE B 6 5.87 21.53 17.82
CA PHE B 6 6.20 21.71 19.22
C PHE B 6 4.95 21.95 20.05
N ALA B 7 4.82 21.23 21.16
CA ALA B 7 3.68 21.41 22.04
C ALA B 7 3.92 20.72 23.36
N GLN B 8 3.51 21.37 24.44
CA GLN B 8 3.55 20.82 25.80
C GLN B 8 4.93 20.31 26.18
N GLY B 9 5.94 21.04 25.74
CA GLY B 9 7.33 20.73 26.09
C GLY B 9 7.96 19.59 25.33
N THR B 10 7.27 19.08 24.30
CA THR B 10 7.77 17.99 23.48
C THR B 10 7.69 18.39 22.01
N SER B 11 8.13 17.51 21.13
CA SER B 11 8.13 17.79 19.71
C SER B 11 7.76 16.54 18.95
N LEU B 12 7.29 16.74 17.75
CA LEU B 12 6.89 15.68 16.86
C LEU B 12 7.78 15.78 15.62
N ASP B 13 8.52 14.71 15.36
CA ASP B 13 9.46 14.64 14.26
C ASP B 13 8.74 14.16 13.01
N LEU B 14 8.51 15.08 12.07
CA LEU B 14 7.74 14.77 10.84
C LEU B 14 8.61 14.47 9.63
N SER B 15 9.81 13.97 9.90
CA SER B 15 10.67 13.45 8.85
C SER B 15 10.21 12.07 8.37
N HIS B 16 9.29 11.43 9.10
CA HIS B 16 8.67 10.16 8.70
C HIS B 16 7.17 10.22 9.00
N PRO B 17 6.38 9.31 8.43
CA PRO B 17 4.97 9.40 8.73
C PRO B 17 4.63 8.86 10.13
N HIS B 18 3.57 9.44 10.70
CA HIS B 18 3.02 9.08 12.01
C HIS B 18 1.59 8.57 11.85
N VAL B 19 1.28 7.52 12.58
CA VAL B 19 -0.03 6.96 12.70
C VAL B 19 -0.73 7.55 13.95
N MET B 20 -1.87 8.19 13.68
CA MET B 20 -2.72 8.73 14.71
C MET B 20 -3.90 7.78 14.89
N GLY B 21 -4.04 7.22 16.08
CA GLY B 21 -5.14 6.32 16.39
C GLY B 21 -6.38 7.10 16.80
N ILE B 22 -7.55 6.59 16.42
CA ILE B 22 -8.81 7.25 16.71
C ILE B 22 -9.31 6.69 18.05
N LEU B 23 -9.62 7.54 19.02
CA LEU B 23 -10.15 7.10 20.29
C LEU B 23 -11.60 7.53 20.44
N ASN B 24 -12.51 6.55 20.53
CA ASN B 24 -13.94 6.80 20.84
C ASN B 24 -14.10 7.30 22.25
N VAL B 25 -14.71 8.47 22.43
CA VAL B 25 -15.20 8.84 23.78
C VAL B 25 -16.69 8.50 23.87
N THR B 26 -17.07 7.76 24.91
CA THR B 26 -18.48 7.43 25.16
C THR B 26 -19.02 8.40 26.22
N ASN B 37 -14.44 3.62 34.88
CA ASN B 37 -15.67 3.58 34.10
C ASN B 37 -15.35 3.72 32.58
N SER B 38 -15.99 4.67 31.89
CA SER B 38 -15.61 4.98 30.52
C SER B 38 -14.17 5.51 30.43
N LEU B 39 -13.66 6.07 31.54
CA LEU B 39 -12.30 6.61 31.60
C LEU B 39 -11.28 5.49 31.59
N ILE B 40 -11.46 4.50 32.46
CA ILE B 40 -10.67 3.26 32.40
C ILE B 40 -10.60 2.64 31.00
N ASP B 41 -11.75 2.59 30.33
CA ASP B 41 -11.82 1.92 29.06
C ASP B 41 -11.08 2.68 27.97
N ALA B 42 -11.20 3.99 28.02
CA ALA B 42 -10.52 4.89 27.08
C ALA B 42 -9.00 4.77 27.21
N VAL B 43 -8.53 4.72 28.45
CA VAL B 43 -7.12 4.60 28.75
C VAL B 43 -6.60 3.22 28.31
N LYS B 44 -7.40 2.18 28.51
CA LYS B 44 -7.02 0.84 28.04
C LYS B 44 -6.90 0.81 26.50
N HIS B 45 -7.83 1.48 25.82
CA HIS B 45 -7.81 1.54 24.37
C HIS B 45 -6.63 2.38 23.85
N ALA B 46 -6.34 3.47 24.54
CA ALA B 46 -5.14 4.28 24.25
C ALA B 46 -3.89 3.43 24.41
N ASN B 47 -3.82 2.68 25.50
CA ASN B 47 -2.72 1.79 25.74
C ASN B 47 -2.51 0.81 24.57
N LEU B 48 -3.61 0.20 24.08
CA LEU B 48 -3.53 -0.77 22.99
C LEU B 48 -3.01 -0.14 21.70
N MET B 49 -3.45 1.08 21.41
CA MET B 49 -3.01 1.78 20.21
C MET B 49 -1.56 2.24 20.30
N ILE B 50 -1.16 2.68 21.50
CA ILE B 50 0.23 3.05 21.76
C ILE B 50 1.14 1.82 21.58
N ASN B 51 0.76 0.69 22.16
CA ASN B 51 1.50 -0.56 22.01
C ASN B 51 1.52 -1.10 20.58
N ALA B 52 0.53 -0.75 19.78
CA ALA B 52 0.51 -1.04 18.34
C ALA B 52 1.35 -0.05 17.51
N GLY B 53 1.84 1.03 18.13
CA GLY B 53 2.78 1.96 17.49
C GLY B 53 2.25 3.32 17.07
N ALA B 54 1.04 3.67 17.50
CA ALA B 54 0.51 5.02 17.31
C ALA B 54 1.36 5.99 18.13
N THR B 55 1.75 7.10 17.52
CA THR B 55 2.46 8.17 18.22
C THR B 55 1.58 9.40 18.49
N ILE B 56 0.34 9.39 17.97
CA ILE B 56 -0.67 10.40 18.29
C ILE B 56 -1.99 9.68 18.53
N ILE B 57 -2.78 10.18 19.47
CA ILE B 57 -4.15 9.70 19.70
C ILE B 57 -5.11 10.85 19.53
N ASP B 58 -6.11 10.61 18.70
CA ASP B 58 -7.13 11.58 18.41
C ASP B 58 -8.39 11.30 19.21
N VAL B 59 -8.63 12.14 20.20
CA VAL B 59 -9.70 11.94 21.16
C VAL B 59 -11.03 12.49 20.63
N GLY B 60 -11.99 11.59 20.41
CA GLY B 60 -13.32 11.91 19.86
C GLY B 60 -14.02 10.65 19.31
N GLY B 61 -13.68 10.24 18.08
CA GLY B 61 -14.25 9.04 17.44
C GLY B 61 -15.75 9.17 17.16
N GLU B 62 -16.53 8.13 17.49
CA GLU B 62 -18.01 8.10 17.23
C GLU B 62 -18.76 9.35 17.74
N SER B 63 -18.49 9.75 18.98
CA SER B 63 -19.12 10.97 19.56
C SER B 63 -18.83 12.29 18.79
N THR B 64 -17.70 12.37 18.08
CA THR B 64 -17.35 13.57 17.30
C THR B 64 -17.54 13.43 15.78
N ARG B 65 -18.07 12.31 15.31
CA ARG B 65 -18.37 12.17 13.88
C ARG B 65 -19.43 13.17 13.41
N PRO B 66 -19.41 13.52 12.11
CA PRO B 66 -20.52 14.33 11.55
C PRO B 66 -21.85 13.61 11.64
N GLY B 67 -22.88 14.33 12.10
CA GLY B 67 -24.19 13.74 12.30
C GLY B 67 -24.41 13.23 13.71
N ALA B 68 -23.34 12.97 14.47
CA ALA B 68 -23.48 12.60 15.89
C ALA B 68 -24.24 13.70 16.61
N ALA B 69 -24.78 13.35 17.78
CA ALA B 69 -25.55 14.28 18.57
C ALA B 69 -24.63 15.40 19.10
N GLU B 70 -25.08 16.64 18.95
CA GLU B 70 -24.39 17.78 19.52
C GLU B 70 -24.53 17.70 21.02
N VAL B 71 -23.55 18.25 21.74
CA VAL B 71 -23.61 18.25 23.19
C VAL B 71 -23.33 19.64 23.72
N SER B 72 -23.72 19.87 24.96
CA SER B 72 -23.49 21.13 25.60
C SER B 72 -22.00 21.26 25.95
N VAL B 73 -21.59 22.51 26.14
CA VAL B 73 -20.21 22.81 26.55
C VAL B 73 -19.84 21.94 27.76
N GLU B 74 -20.70 21.95 28.76
CA GLU B 74 -20.54 21.22 30.02
C GLU B 74 -20.35 19.72 29.78
N GLU B 75 -21.18 19.12 28.93
CA GLU B 75 -21.07 17.69 28.66
C GLU B 75 -19.75 17.37 27.96
N GLU B 76 -19.42 18.15 26.93
CA GLU B 76 -18.22 17.91 26.15
C GLU B 76 -16.96 18.05 27.03
N LEU B 77 -16.93 19.03 27.93
CA LEU B 77 -15.82 19.13 28.92
C LEU B 77 -15.72 17.92 29.84
N GLN B 78 -16.86 17.46 30.36
CA GLN B 78 -16.91 16.26 31.21
C GLN B 78 -16.46 14.97 30.52
N ARG B 79 -16.74 14.84 29.22
CA ARG B 79 -16.37 13.61 28.54
C ARG B 79 -14.93 13.72 27.99
N VAL B 80 -14.51 14.90 27.54
CA VAL B 80 -13.24 15.09 26.87
C VAL B 80 -12.06 15.34 27.83
N ILE B 81 -12.25 16.24 28.79
CA ILE B 81 -11.12 16.72 29.60
C ILE B 81 -10.50 15.60 30.43
N PRO B 82 -11.31 14.78 31.14
CA PRO B 82 -10.70 13.69 31.92
C PRO B 82 -9.90 12.67 31.07
N VAL B 83 -10.35 12.42 29.85
CA VAL B 83 -9.65 11.50 28.96
C VAL B 83 -8.27 12.03 28.56
N VAL B 84 -8.24 13.28 28.11
CA VAL B 84 -7.00 13.98 27.72
C VAL B 84 -6.02 14.04 28.89
N GLU B 85 -6.54 14.37 30.06
CA GLU B 85 -5.75 14.46 31.28
C GLU B 85 -5.13 13.12 31.62
N ALA B 86 -5.95 12.07 31.62
CA ALA B 86 -5.50 10.70 31.90
C ALA B 86 -4.41 10.16 30.96
N ILE B 87 -4.53 10.47 29.68
CA ILE B 87 -3.54 10.04 28.71
C ILE B 87 -2.27 10.85 28.91
N ALA B 88 -2.44 12.16 29.10
CA ALA B 88 -1.29 13.06 29.30
C ALA B 88 -0.47 12.68 30.53
N GLN B 89 -1.14 12.24 31.59
CA GLN B 89 -0.46 11.78 32.80
C GLN B 89 0.25 10.45 32.66
N ARG B 90 -0.29 9.54 31.85
CA ARG B 90 0.20 8.17 31.77
C ARG B 90 1.09 7.80 30.61
N PHE B 91 1.04 8.56 29.52
CA PHE B 91 1.76 8.20 28.31
C PHE B 91 2.54 9.39 27.79
N GLU B 92 3.50 9.11 26.91
CA GLU B 92 4.29 10.15 26.23
C GLU B 92 3.68 10.55 24.89
N VAL B 93 2.71 9.79 24.44
CA VAL B 93 2.08 10.00 23.14
C VAL B 93 1.53 11.41 22.96
N TRP B 94 1.49 11.90 21.73
CA TRP B 94 0.81 13.16 21.48
C TRP B 94 -0.71 12.92 21.43
N ILE B 95 -1.45 13.99 21.71
CA ILE B 95 -2.90 13.96 21.91
C ILE B 95 -3.51 15.05 21.04
N SER B 96 -4.35 14.61 20.12
CA SER B 96 -5.14 15.46 19.25
C SER B 96 -6.56 15.56 19.82
N VAL B 97 -7.14 16.75 19.92
CA VAL B 97 -8.49 16.85 20.48
C VAL B 97 -9.49 17.29 19.40
N ASP B 98 -10.55 16.48 19.26
CA ASP B 98 -11.67 16.77 18.33
C ASP B 98 -12.67 17.67 18.99
N THR B 99 -12.61 18.96 18.68
CA THR B 99 -13.57 19.89 19.23
C THR B 99 -13.68 21.12 18.37
N SER B 100 -14.85 21.76 18.45
CA SER B 100 -15.11 23.02 17.82
C SER B 100 -15.34 24.13 18.84
N LYS B 101 -15.40 23.81 20.13
CA LYS B 101 -15.78 24.77 21.15
C LYS B 101 -14.57 25.44 21.84
N PRO B 102 -14.55 26.80 21.92
CA PRO B 102 -13.44 27.51 22.57
C PRO B 102 -13.13 27.07 23.99
N GLU B 103 -14.14 26.78 24.79
CA GLU B 103 -13.91 26.34 26.17
C GLU B 103 -13.18 25.02 26.23
N VAL B 104 -13.54 24.10 25.33
CA VAL B 104 -12.93 22.79 25.29
C VAL B 104 -11.49 22.90 24.81
N ILE B 105 -11.26 23.72 23.78
CA ILE B 105 -9.92 24.04 23.29
C ILE B 105 -9.03 24.52 24.45
N ARG B 106 -9.53 25.50 25.22
CA ARG B 106 -8.80 26.06 26.35
C ARG B 106 -8.50 25.05 27.41
N GLU B 107 -9.53 24.36 27.86
CA GLU B 107 -9.33 23.37 28.95
C GLU B 107 -8.49 22.17 28.53
N SER B 108 -8.62 21.75 27.28
CA SER B 108 -7.81 20.67 26.71
C SER B 108 -6.31 21.02 26.75
N ALA B 109 -6.00 22.24 26.35
CA ALA B 109 -4.61 22.74 26.38
C ALA B 109 -4.05 22.73 27.81
N LYS B 110 -4.87 23.12 28.79
CA LYS B 110 -4.44 23.16 30.17
C LYS B 110 -4.11 21.80 30.71
N VAL B 111 -4.76 20.75 30.23
CA VAL B 111 -4.49 19.41 30.75
C VAL B 111 -3.57 18.56 29.86
N GLY B 112 -2.96 19.15 28.84
CA GLY B 112 -1.93 18.42 28.09
C GLY B 112 -2.10 18.10 26.61
N ALA B 113 -3.19 18.57 25.98
CA ALA B 113 -3.39 18.30 24.54
C ALA B 113 -2.32 18.96 23.69
N HIS B 114 -1.99 18.31 22.59
CA HIS B 114 -0.92 18.78 21.71
C HIS B 114 -1.46 19.41 20.44
N ILE B 115 -2.55 18.88 19.89
CA ILE B 115 -3.09 19.36 18.61
C ILE B 115 -4.58 19.62 18.74
N ILE B 116 -5.03 20.75 18.19
CA ILE B 116 -6.46 21.05 18.05
C ILE B 116 -6.92 20.61 16.66
N ASN B 117 -7.84 19.64 16.63
CA ASN B 117 -8.33 19.05 15.41
C ASN B 117 -9.77 19.39 15.31
N ASP B 118 -10.06 20.53 14.69
CA ASP B 118 -11.44 20.97 14.56
C ASP B 118 -11.86 20.72 13.11
N ILE B 119 -12.82 19.84 12.91
CA ILE B 119 -13.35 19.58 11.54
C ILE B 119 -14.03 20.81 10.93
N ARG B 120 -14.44 21.75 11.79
CA ARG B 120 -14.95 23.06 11.35
C ARG B 120 -13.96 24.18 11.18
N SER B 121 -12.65 23.90 11.25
CA SER B 121 -11.59 24.89 11.05
C SER B 121 -11.76 26.19 11.88
N LEU B 122 -12.10 26.03 13.16
CA LEU B 122 -12.22 27.13 14.13
C LEU B 122 -13.28 28.16 13.75
N SER B 123 -14.38 27.68 13.19
CA SER B 123 -15.41 28.56 12.67
C SER B 123 -16.41 28.97 13.73
N GLU B 124 -16.61 28.18 14.79
CA GLU B 124 -17.50 28.57 15.87
C GLU B 124 -17.03 29.88 16.56
N PRO B 125 -17.97 30.69 17.08
CA PRO B 125 -17.58 31.94 17.77
C PRO B 125 -16.56 31.73 18.88
N GLY B 126 -15.43 32.43 18.81
CA GLY B 126 -14.41 32.36 19.84
C GLY B 126 -13.39 31.26 19.63
N ALA B 127 -13.61 30.37 18.66
CA ALA B 127 -12.79 29.18 18.54
C ALA B 127 -11.42 29.56 18.03
N LEU B 128 -11.39 30.46 17.05
CA LEU B 128 -10.15 30.98 16.52
C LEU B 128 -9.25 31.64 17.57
N GLU B 129 -9.86 32.47 18.44
CA GLU B 129 -9.13 33.20 19.46
C GLU B 129 -8.67 32.25 20.56
N ALA B 130 -9.52 31.30 20.92
CA ALA B 130 -9.11 30.27 21.89
C ALA B 130 -7.89 29.43 21.40
N ALA B 131 -7.89 29.04 20.13
CA ALA B 131 -6.80 28.23 19.58
C ALA B 131 -5.50 29.01 19.54
N ALA B 132 -5.59 30.28 19.16
CA ALA B 132 -4.46 31.18 19.14
C ALA B 132 -3.84 31.37 20.52
N GLU B 133 -4.68 31.56 21.55
CA GLU B 133 -4.18 31.67 22.94
C GLU B 133 -3.45 30.41 23.42
N THR B 134 -3.87 29.23 22.96
CA THR B 134 -3.21 28.00 23.45
C THR B 134 -1.75 27.90 22.95
N GLY B 135 -1.42 28.53 21.83
CA GLY B 135 -0.14 28.29 21.17
C GLY B 135 0.03 26.93 20.54
N LEU B 136 -1.01 26.10 20.53
CA LEU B 136 -0.89 24.72 20.10
C LEU B 136 -1.02 24.63 18.60
N PRO B 137 -0.43 23.58 18.00
CA PRO B 137 -0.71 23.27 16.62
C PRO B 137 -2.19 23.09 16.31
N VAL B 138 -2.59 23.52 15.13
CA VAL B 138 -3.99 23.49 14.70
C VAL B 138 -4.09 22.79 13.36
N CYS B 139 -5.02 21.83 13.23
CA CYS B 139 -5.33 21.23 11.93
C CYS B 139 -6.44 21.99 11.17
N LEU B 140 -6.16 22.33 9.91
CA LEU B 140 -7.12 23.02 9.03
C LEU B 140 -7.66 22.01 8.03
N MET B 141 -8.90 21.59 8.23
CA MET B 141 -9.51 20.55 7.38
C MET B 141 -10.53 21.16 6.47
N HIS B 142 -10.52 20.77 5.20
CA HIS B 142 -11.54 21.22 4.27
C HIS B 142 -12.83 20.41 4.43
N MET B 143 -13.95 21.13 4.45
CA MET B 143 -15.28 20.56 4.49
C MET B 143 -16.24 21.53 3.77
N GLN B 144 -17.32 21.00 3.18
CA GLN B 144 -18.46 21.83 2.72
C GLN B 144 -19.76 21.29 3.29
N PRO B 154 -22.48 17.08 -3.33
CA PRO B 154 -21.13 17.62 -3.53
C PRO B 154 -20.88 18.04 -4.98
N LYS B 155 -20.42 19.28 -5.19
CA LYS B 155 -20.18 19.85 -6.53
C LYS B 155 -18.93 20.74 -6.55
N TYR B 156 -18.01 20.50 -7.49
CA TYR B 156 -16.85 21.39 -7.73
C TYR B 156 -16.52 21.42 -9.21
N ASP B 157 -15.94 22.52 -9.68
CA ASP B 157 -15.34 22.56 -11.01
C ASP B 157 -14.01 21.79 -10.97
N ASP B 158 -13.14 22.20 -10.04
CA ASP B 158 -11.82 21.58 -9.85
C ASP B 158 -11.63 21.37 -8.35
N VAL B 159 -11.89 20.15 -7.88
CA VAL B 159 -11.93 19.90 -6.45
C VAL B 159 -10.59 20.25 -5.78
N PHE B 160 -9.48 19.95 -6.43
CA PHE B 160 -8.17 20.31 -5.92
C PHE B 160 -8.01 21.82 -5.76
N ALA B 161 -8.45 22.60 -6.74
CA ALA B 161 -8.29 24.06 -6.73
C ALA B 161 -9.17 24.70 -5.67
N GLU B 162 -10.37 24.14 -5.47
CA GLU B 162 -11.25 24.62 -4.41
C GLU B 162 -10.64 24.34 -3.04
N VAL B 163 -10.17 23.12 -2.83
CA VAL B 163 -9.52 22.78 -1.57
C VAL B 163 -8.28 23.64 -1.37
N ASN B 164 -7.49 23.78 -2.44
CA ASN B 164 -6.25 24.56 -2.38
C ASN B 164 -6.52 26.02 -2.01
N ARG B 165 -7.56 26.58 -2.61
CA ARG B 165 -7.95 27.96 -2.38
C ARG B 165 -8.38 28.10 -0.91
N TYR B 166 -9.16 27.12 -0.43
CA TYR B 166 -9.57 27.07 0.96
C TYR B 166 -8.40 27.11 1.95
N PHE B 167 -7.33 26.37 1.66
CA PHE B 167 -6.15 26.42 2.52
C PHE B 167 -5.51 27.81 2.53
N ILE B 168 -5.40 28.45 1.37
CA ILE B 168 -4.81 29.81 1.27
C ILE B 168 -5.53 30.77 2.24
N GLU B 169 -6.86 30.70 2.22
CA GLU B 169 -7.73 31.59 3.00
C GLU B 169 -7.66 31.27 4.49
N GLN B 170 -7.66 29.99 4.85
CA GLN B 170 -7.62 29.62 6.26
C GLN B 170 -6.23 29.86 6.85
N ILE B 171 -5.18 29.63 6.06
CA ILE B 171 -3.82 29.99 6.48
C ILE B 171 -3.77 31.48 6.83
N ALA B 172 -4.29 32.32 5.94
CA ALA B 172 -4.32 33.77 6.14
C ALA B 172 -5.18 34.15 7.35
N ARG B 173 -6.37 33.55 7.44
CA ARG B 173 -7.26 33.78 8.58
C ARG B 173 -6.54 33.46 9.90
N CYS B 174 -5.85 32.32 9.99
CA CYS B 174 -5.09 31.96 11.19
C CYS B 174 -3.90 32.88 11.46
N GLU B 175 -3.13 33.20 10.42
CA GLU B 175 -1.98 34.12 10.57
C GLU B 175 -2.39 35.47 11.11
N GLN B 176 -3.52 35.95 10.60
CA GLN B 176 -4.14 37.18 11.06
C GLN B 176 -4.60 37.16 12.51
N ALA B 177 -5.02 36.00 13.02
CA ALA B 177 -5.34 35.85 14.46
C ALA B 177 -4.12 35.61 15.36
N GLY B 178 -2.91 35.71 14.81
CA GLY B 178 -1.69 35.54 15.59
C GLY B 178 -1.19 34.10 15.69
N ILE B 179 -1.74 33.19 14.89
CA ILE B 179 -1.28 31.80 14.87
C ILE B 179 -0.20 31.70 13.79
N ALA B 180 1.03 31.40 14.20
CA ALA B 180 2.13 31.28 13.24
C ALA B 180 1.90 30.11 12.28
N LYS B 181 2.33 30.30 11.04
CA LYS B 181 2.24 29.27 10.00
C LYS B 181 2.84 27.93 10.44
N GLU B 182 3.92 28.00 11.21
CA GLU B 182 4.62 26.83 11.75
C GLU B 182 3.77 25.98 12.71
N LYS B 183 2.59 26.44 13.07
CA LYS B 183 1.74 25.69 13.95
C LYS B 183 0.60 25.06 13.20
N LEU B 184 0.55 25.24 11.89
CA LEU B 184 -0.57 24.77 11.09
C LEU B 184 -0.37 23.41 10.40
N LEU B 185 -1.44 22.63 10.34
CA LEU B 185 -1.47 21.37 9.59
C LEU B 185 -2.62 21.44 8.64
N LEU B 186 -2.47 20.82 7.47
CA LEU B 186 -3.49 20.88 6.41
C LEU B 186 -4.06 19.51 6.13
N ASP B 187 -5.39 19.43 6.09
CA ASP B 187 -6.09 18.19 5.82
C ASP B 187 -7.16 18.43 4.74
N PRO B 188 -7.09 17.72 3.58
CA PRO B 188 -8.12 17.88 2.53
C PRO B 188 -9.51 17.36 2.89
N GLY B 189 -9.64 16.66 4.01
CA GLY B 189 -10.93 16.26 4.54
C GLY B 189 -11.62 15.27 3.64
N PHE B 190 -11.05 14.08 3.50
CA PHE B 190 -11.67 13.03 2.70
C PHE B 190 -13.04 12.72 3.27
N GLY B 191 -14.02 12.52 2.38
CA GLY B 191 -15.41 12.23 2.77
C GLY B 191 -16.27 13.40 3.26
N PHE B 192 -15.77 14.63 3.22
CA PHE B 192 -16.49 15.76 3.84
C PHE B 192 -17.05 16.69 2.75
N GLY B 193 -18.26 16.36 2.28
CA GLY B 193 -18.85 17.03 1.13
C GLY B 193 -18.09 16.68 -0.15
N LYS B 194 -17.81 15.38 -0.31
CA LYS B 194 -17.05 14.87 -1.45
C LYS B 194 -17.59 13.50 -1.87
N ASN B 195 -17.96 13.41 -3.14
CA ASN B 195 -18.31 12.15 -3.76
C ASN B 195 -17.03 11.34 -4.09
N LEU B 196 -17.24 10.18 -4.70
CA LEU B 196 -16.19 9.20 -4.87
C LEU B 196 -15.08 9.75 -5.75
N SER B 197 -15.43 10.38 -6.86
CA SER B 197 -14.39 10.85 -7.79
C SER B 197 -13.65 12.08 -7.24
N HIS B 198 -14.35 12.92 -6.49
CA HIS B 198 -13.69 14.05 -5.82
C HIS B 198 -12.64 13.56 -4.82
N ASN B 199 -13.00 12.56 -4.02
CA ASN B 199 -12.07 11.97 -3.05
C ASN B 199 -10.83 11.38 -3.71
N TYR B 200 -11.02 10.51 -4.70
CA TYR B 200 -9.88 9.98 -5.45
C TYR B 200 -9.05 11.03 -6.22
N SER B 201 -9.67 12.13 -6.66
CA SER B 201 -8.87 13.20 -7.31
C SER B 201 -7.97 13.91 -6.31
N LEU B 202 -8.49 14.10 -5.10
CA LEU B 202 -7.69 14.71 -4.05
C LEU B 202 -6.53 13.80 -3.66
N LEU B 203 -6.82 12.50 -3.51
CA LEU B 203 -5.79 11.51 -3.17
C LEU B 203 -4.75 11.39 -4.26
N ALA B 204 -5.19 11.40 -5.53
CA ALA B 204 -4.26 11.34 -6.68
C ALA B 204 -3.32 12.53 -6.76
N ARG B 205 -3.77 13.70 -6.29
CA ARG B 205 -2.96 14.92 -6.37
C ARG B 205 -2.47 15.40 -5.01
N LEU B 206 -2.44 14.52 -4.01
CA LEU B 206 -2.12 14.94 -2.66
C LEU B 206 -0.74 15.61 -2.56
N ALA B 207 0.23 15.08 -3.30
CA ALA B 207 1.62 15.60 -3.27
C ALA B 207 1.73 17.07 -3.65
N GLU B 208 0.83 17.56 -4.49
CA GLU B 208 0.83 18.97 -4.87
C GLU B 208 0.54 19.95 -3.70
N PHE B 209 -0.07 19.47 -2.60
CA PHE B 209 -0.32 20.34 -1.44
C PHE B 209 0.93 20.61 -0.64
N HIS B 210 2.03 19.95 -0.97
CA HIS B 210 3.33 20.26 -0.38
C HIS B 210 3.88 21.65 -0.67
N HIS B 211 3.35 22.36 -1.67
CA HIS B 211 3.86 23.72 -1.94
C HIS B 211 3.61 24.72 -0.80
N PHE B 212 2.64 24.46 0.08
CA PHE B 212 2.47 25.28 1.28
C PHE B 212 3.63 25.14 2.29
N ASN B 213 4.45 24.09 2.14
CA ASN B 213 5.47 23.73 3.11
C ASN B 213 4.96 23.48 4.53
N LEU B 214 3.77 22.88 4.61
CA LEU B 214 3.16 22.52 5.90
C LEU B 214 2.90 21.01 6.02
N PRO B 215 2.80 20.49 7.26
CA PRO B 215 2.39 19.11 7.43
C PRO B 215 1.04 18.82 6.79
N LEU B 216 0.91 17.65 6.18
CA LEU B 216 -0.36 17.11 5.69
C LEU B 216 -0.85 15.99 6.59
N LEU B 217 -2.12 16.09 6.97
CA LEU B 217 -2.83 15.09 7.72
C LEU B 217 -3.97 14.57 6.85
N VAL B 218 -4.18 13.26 6.86
CA VAL B 218 -5.26 12.65 6.06
C VAL B 218 -6.01 11.63 6.89
N GLY B 219 -7.29 11.50 6.60
CA GLY B 219 -8.17 10.55 7.25
C GLY B 219 -9.07 9.86 6.26
N MET B 220 -8.70 8.66 5.86
CA MET B 220 -9.51 7.86 4.95
C MET B 220 -10.03 6.56 5.55
N SER B 221 -9.53 6.19 6.72
CA SER B 221 -9.83 4.91 7.38
C SER B 221 -11.34 4.57 7.39
N ARG B 222 -11.70 3.46 6.73
CA ARG B 222 -13.05 2.90 6.72
C ARG B 222 -14.13 3.84 6.16
N LYS B 223 -13.74 4.85 5.38
CA LYS B 223 -14.69 5.79 4.83
C LYS B 223 -15.40 5.25 3.58
N SER B 224 -16.43 6.00 3.18
CA SER B 224 -17.30 5.52 2.12
C SER B 224 -16.59 5.57 0.76
N MET B 225 -15.51 6.37 0.64
CA MET B 225 -14.64 6.33 -0.52
C MET B 225 -14.01 4.94 -0.78
N ILE B 226 -13.90 4.14 0.29
CA ILE B 226 -13.53 2.73 0.21
C ILE B 226 -14.79 1.83 0.12
N GLY B 227 -15.73 1.99 1.04
CA GLY B 227 -16.96 1.20 1.05
C GLY B 227 -17.76 1.20 -0.25
N GLN B 228 -17.89 2.36 -0.87
CA GLN B 228 -18.62 2.50 -2.13
C GLN B 228 -17.86 1.93 -3.31
N LEU B 229 -16.53 2.04 -3.29
CA LEU B 229 -15.70 1.48 -4.35
C LEU B 229 -15.72 -0.03 -4.31
N LEU B 230 -15.54 -0.60 -3.13
CA LEU B 230 -15.45 -2.05 -2.98
C LEU B 230 -16.80 -2.70 -2.72
N ASN B 231 -17.82 -1.88 -2.46
CA ASN B 231 -19.13 -2.35 -2.04
C ASN B 231 -19.09 -3.33 -0.86
N VAL B 232 -18.48 -2.88 0.23
CA VAL B 232 -18.43 -3.63 1.51
C VAL B 232 -18.80 -2.73 2.66
N GLY B 233 -19.22 -3.35 3.77
CA GLY B 233 -19.59 -2.64 4.98
C GLY B 233 -18.40 -2.14 5.82
N PRO B 234 -18.68 -1.36 6.88
CA PRO B 234 -17.63 -0.60 7.57
C PRO B 234 -16.53 -1.45 8.19
N SER B 235 -16.85 -2.68 8.57
CA SER B 235 -15.87 -3.58 9.18
C SER B 235 -15.10 -4.43 8.17
N GLU B 236 -15.32 -4.23 6.87
CA GLU B 236 -14.64 -5.01 5.85
C GLU B 236 -13.72 -4.12 4.99
N ARG B 237 -13.33 -2.95 5.50
CA ARG B 237 -12.60 -1.97 4.69
C ARG B 237 -11.10 -1.84 5.01
N LEU B 238 -10.56 -2.81 5.74
CA LEU B 238 -9.16 -2.74 6.18
C LEU B 238 -8.17 -2.69 5.01
N SER B 239 -8.35 -3.56 4.02
CA SER B 239 -7.39 -3.64 2.92
C SER B 239 -7.38 -2.34 2.12
N GLY B 240 -8.57 -1.81 1.83
CA GLY B 240 -8.70 -0.53 1.17
C GLY B 240 -8.20 0.65 1.97
N SER B 241 -8.45 0.65 3.28
CA SER B 241 -7.92 1.67 4.18
C SER B 241 -6.38 1.72 4.15
N LEU B 242 -5.77 0.53 4.17
CA LEU B 242 -4.32 0.36 4.12
C LEU B 242 -3.79 0.90 2.81
N ALA B 243 -4.47 0.58 1.70
CA ALA B 243 -4.06 1.08 0.38
C ALA B 243 -4.06 2.62 0.35
N CYS B 244 -5.12 3.20 0.88
CA CYS B 244 -5.27 4.65 0.95
C CYS B 244 -4.14 5.29 1.78
N ALA B 245 -3.88 4.72 2.96
CA ALA B 245 -2.78 5.15 3.82
C ALA B 245 -1.43 5.08 3.10
N VAL B 246 -1.20 3.98 2.38
CA VAL B 246 0.08 3.82 1.69
C VAL B 246 0.21 4.83 0.55
N ILE B 247 -0.86 5.01 -0.21
CA ILE B 247 -0.88 5.99 -1.30
C ILE B 247 -0.60 7.41 -0.78
N ALA B 248 -1.21 7.78 0.34
CA ALA B 248 -0.96 9.08 0.95
C ALA B 248 0.48 9.23 1.48
N ALA B 249 0.97 8.20 2.19
CA ALA B 249 2.29 8.25 2.79
C ALA B 249 3.38 8.24 1.72
N MET B 250 3.21 7.46 0.67
CA MET B 250 4.14 7.52 -0.46
C MET B 250 4.23 8.91 -1.09
N GLN B 251 3.17 9.71 -0.98
CA GLN B 251 3.20 11.11 -1.44
C GLN B 251 3.65 12.13 -0.38
N GLY B 252 4.23 11.66 0.73
CA GLY B 252 4.74 12.54 1.76
C GLY B 252 3.74 13.02 2.80
N ALA B 253 2.54 12.43 2.87
CA ALA B 253 1.62 12.74 3.98
C ALA B 253 2.30 12.42 5.31
N HIS B 254 2.19 13.33 6.27
CA HIS B 254 2.94 13.24 7.54
C HIS B 254 2.19 12.57 8.66
N ILE B 255 0.86 12.72 8.67
CA ILE B 255 0.03 12.07 9.69
C ILE B 255 -1.15 11.36 9.02
N ILE B 256 -1.35 10.10 9.42
CA ILE B 256 -2.41 9.25 8.93
C ILE B 256 -3.34 8.89 10.09
N ARG B 257 -4.59 9.29 9.99
CA ARG B 257 -5.59 9.06 11.03
C ARG B 257 -6.35 7.78 10.71
N VAL B 258 -6.32 6.80 11.63
CA VAL B 258 -6.82 5.45 11.38
C VAL B 258 -7.46 4.77 12.60
N HIS B 259 -8.31 3.78 12.32
CA HIS B 259 -8.86 2.88 13.36
C HIS B 259 -7.96 1.71 13.64
N ASP B 260 -7.24 1.24 12.63
CA ASP B 260 -6.50 -0.03 12.69
C ASP B 260 -5.02 0.28 12.77
N VAL B 261 -4.58 0.61 13.97
CA VAL B 261 -3.24 1.16 14.16
C VAL B 261 -2.10 0.18 13.79
N LYS B 262 -2.17 -1.05 14.27
CA LYS B 262 -1.06 -2.02 14.12
C LYS B 262 -0.76 -2.25 12.64
N GLU B 263 -1.82 -2.49 11.88
CA GLU B 263 -1.70 -2.81 10.49
C GLU B 263 -1.18 -1.60 9.71
N THR B 264 -1.64 -0.41 10.08
CA THR B 264 -1.24 0.83 9.44
C THR B 264 0.23 1.10 9.74
N VAL B 265 0.66 0.87 10.99
CA VAL B 265 2.07 1.08 11.38
C VAL B 265 3.00 0.17 10.55
N GLU B 266 2.59 -1.09 10.39
CA GLU B 266 3.32 -2.03 9.56
C GLU B 266 3.46 -1.57 8.09
N ALA B 267 2.35 -1.17 7.47
CA ALA B 267 2.36 -0.58 6.12
C ALA B 267 3.24 0.65 6.03
N MET B 268 3.25 1.46 7.08
CA MET B 268 4.08 2.67 7.16
C MET B 268 5.55 2.36 7.24
N ARG B 269 5.94 1.31 7.96
CA ARG B 269 7.34 0.88 7.97
C ARG B 269 7.85 0.43 6.60
N VAL B 270 6.97 -0.20 5.82
CA VAL B 270 7.27 -0.54 4.43
C VAL B 270 7.46 0.74 3.60
N VAL B 271 6.53 1.69 3.73
CA VAL B 271 6.65 2.98 3.05
C VAL B 271 7.99 3.68 3.41
N GLU B 272 8.34 3.70 4.69
CA GLU B 272 9.59 4.30 5.17
C GLU B 272 10.84 3.64 4.57
N ALA B 273 10.87 2.31 4.53
CA ALA B 273 11.99 1.58 3.94
C ALA B 273 12.11 1.92 2.44
N THR B 274 10.97 2.06 1.77
CA THR B 274 10.93 2.46 0.39
C THR B 274 11.42 3.90 0.18
N LEU B 275 10.89 4.83 0.96
CA LEU B 275 11.26 6.26 0.80
C LEU B 275 12.73 6.53 1.19
N SER B 276 13.23 5.82 2.18
CA SER B 276 14.66 5.86 2.54
C SER B 276 15.59 5.33 1.47
N ALA B 277 15.13 4.39 0.66
CA ALA B 277 15.92 3.89 -0.47
C ALA B 277 15.85 4.83 -1.69
N LYS B 278 14.89 5.75 -1.72
CA LYS B 278 14.74 6.72 -2.81
C LYS B 278 15.67 7.93 -2.58
N GLU B 279 16.20 8.53 -3.65
CA GLU B 279 17.04 9.77 -3.53
C GLU B 279 16.21 11.04 -3.28
N ASN B 280 14.94 11.00 -3.68
CA ASN B 280 14.00 12.13 -3.69
C ASN B 280 13.06 12.17 -2.44
N LYS B 281 12.81 11.00 -1.83
CA LYS B 281 12.06 10.87 -0.56
C LYS B 281 10.52 11.15 -0.64
N ARG B 282 9.94 10.96 -1.83
CA ARG B 282 8.51 11.15 -2.07
C ARG B 282 8.09 10.82 -3.52
N TYR B 283 6.86 10.37 -3.71
CA TYR B 283 6.36 10.03 -5.04
C TYR B 283 5.34 11.09 -5.49
N GLU B 284 5.26 11.30 -6.80
CA GLU B 284 4.42 12.31 -7.43
C GLU B 284 3.97 11.81 -8.80
C1 7PS C . 8.58 -15.16 -7.52
C2 7PS C . 8.20 -16.12 -8.43
C3 7PS C . 8.72 -13.86 -7.90
C4 7PS C . 8.12 -14.54 -10.02
C5 7PS C . 8.43 -17.14 -6.59
C6 7PS C . 7.76 -17.15 -2.95
C7 7PS C . 7.48 -16.86 -0.48
C8 7PS C . 8.96 -17.62 -3.79
N9 7PS C . 7.96 -15.84 -9.71
N10 7PS C . 8.13 -17.36 -7.85
N11 7PS C . 8.48 -13.55 -9.17
N12 7PS C . 8.72 -15.84 -6.34
N13 7PS C . 7.89 -14.19 -11.34
N14 7PS C . 8.22 -16.71 -1.71
O15 7PS C . 6.58 -17.17 -3.30
O16 7PS C . 9.08 -12.85 -7.02
S17 7PS C . 8.49 -18.38 -5.37
C1 7PS D . -11.48 13.25 9.85
C2 7PS D . -11.40 13.80 11.12
C3 7PS D . -10.54 13.56 8.91
C4 7PS D . -9.54 14.90 10.50
C5 7PS D . -13.13 12.57 11.14
C6 7PS D . -14.64 9.35 10.21
C7 7PS D . -15.53 7.13 9.51
C8 7PS D . -15.16 10.77 10.19
N9 7PS D . -10.42 14.64 11.47
N10 7PS D . -12.42 13.37 11.91
N11 7PS D . -9.57 14.39 9.25
N12 7PS D . -12.59 12.47 9.89
N13 7PS D . -8.50 15.78 10.81
N14 7PS D . -15.42 8.56 9.36
O15 7PS D . -13.69 8.98 10.87
O16 7PS D . -10.58 13.06 7.63
S17 7PS D . -14.56 11.72 11.63
#